data_8YWU
#
_entry.id   8YWU
#
_cell.length_a   45.180
_cell.length_b   61.876
_cell.length_c   53.718
_cell.angle_alpha   90.000
_cell.angle_beta   105.830
_cell.angle_gamma   90.000
#
_symmetry.space_group_name_H-M   'P 1 21 1'
#
loop_
_entity.id
_entity.type
_entity.pdbx_description
1 polymer 'Peroxisome proliferator-activated receptor alpha'
2 polymer 'Peroxisome proliferator-activated receptor gamma coactivator 1-alpha'
3 non-polymer '1-(4-fluorophenyl)-6-[2-[(5-methyl-2-phenyl-1,3-oxazol-4-yl)methoxy]ethyl]-3-pentan-3-yl-pyrazolo[3,4-b]pyridine-4-carboxylic acid'
4 water water
#
loop_
_entity_poly.entity_id
_entity_poly.type
_entity_poly.pdbx_seq_one_letter_code
_entity_poly.pdbx_strand_id
1 'polypeptide(L)'
;GGQTADLKSLAKRIYEAYLKNFNMNKVKARVILSGKASNNPPFVIHDMETLCMAEKTLVAKLVANGIQNKEAEVRIFHCC
QCTSVETVTELTEFAKAIPGFANLDLNDQVTLLKYGVYEAIFAMLSSVMNKDGMLVAYGNGFITREFLKSLRKPFCDIME
PKFDFAMKFNALELDDSDISLFVAAIICCGDRPGLLNVGHIEKMQEGIVHVLRLHLQSNHPDDIFLFPKLLQKMADLRQL
VTEHAQLVQIIKKTESDAALHPLLQEIYRDMY
;
A
2 'polypeptide(L)' PQEAEEPSLLKKLLLAPANTQL B
#
loop_
_chem_comp.id
_chem_comp.type
_chem_comp.name
_chem_comp.formula
A1LZ9 non-polymer '1-(4-fluorophenyl)-6-[2-[(5-methyl-2-phenyl-1,3-oxazol-4-yl)methoxy]ethyl]-3-pentan-3-yl-pyrazolo[3,4-b]pyridine-4-carboxylic acid' 'C31 H31 F N4 O4'
#
# COMPACT_ATOMS: atom_id res chain seq x y z
N SER A 9 13.27 20.73 -6.17
CA SER A 9 11.91 21.11 -6.61
C SER A 9 11.07 19.90 -6.97
N LEU A 10 11.66 18.96 -7.72
CA LEU A 10 10.97 17.70 -7.97
C LEU A 10 10.67 16.99 -6.65
N ALA A 11 11.61 17.03 -5.72
CA ALA A 11 11.38 16.42 -4.41
C ALA A 11 10.24 17.11 -3.68
N LYS A 12 10.20 18.44 -3.73
CA LYS A 12 9.15 19.17 -3.04
C LYS A 12 7.78 18.88 -3.66
N ARG A 13 7.71 18.87 -5.00
CA ARG A 13 6.44 18.61 -5.67
C ARG A 13 5.91 17.21 -5.33
N ILE A 14 6.79 16.22 -5.27
CA ILE A 14 6.34 14.87 -4.95
C ILE A 14 5.86 14.80 -3.50
N TYR A 15 6.58 15.44 -2.58
CA TYR A 15 6.18 15.46 -1.17
C TYR A 15 4.85 16.17 -0.97
N GLU A 16 4.65 17.32 -1.63
CA GLU A 16 3.36 18.00 -1.52
C GLU A 16 2.22 17.16 -2.07
N ALA A 17 2.46 16.45 -3.19
CA ALA A 17 1.41 15.59 -3.73
C ALA A 17 1.05 14.47 -2.77
N TYR A 18 2.05 13.95 -2.07
CA TYR A 18 1.84 12.91 -1.08
C TYR A 18 1.01 13.44 0.09
N LEU A 19 1.39 14.61 0.63
CA LEU A 19 0.64 15.19 1.72
C LEU A 19 -0.80 15.50 1.32
N LYS A 20 -1.02 15.90 0.07
CA LYS A 20 -2.36 16.27 -0.35
C LYS A 20 -3.25 15.05 -0.56
N ASN A 21 -2.69 13.96 -1.08
CA ASN A 21 -3.53 12.89 -1.62
C ASN A 21 -3.75 11.71 -0.68
N PHE A 22 -2.95 11.55 0.37
CA PHE A 22 -3.08 10.41 1.27
C PHE A 22 -3.67 10.87 2.60
N ASN A 23 -4.80 10.27 2.98
CA ASN A 23 -5.48 10.68 4.21
C ASN A 23 -4.66 10.37 5.46
N MET A 24 -3.80 9.36 5.40
CA MET A 24 -3.03 8.93 6.55
C MET A 24 -1.57 9.07 6.14
N ASN A 25 -0.73 9.47 7.08
CA ASN A 25 0.70 9.51 6.84
C ASN A 25 1.42 9.21 8.14
N LYS A 26 2.74 9.16 8.08
CA LYS A 26 3.48 8.65 9.23
C LYS A 26 3.37 9.58 10.44
N VAL A 27 3.40 10.90 10.23
CA VAL A 27 3.25 11.82 11.36
C VAL A 27 1.87 11.68 11.99
N LYS A 28 0.80 11.72 11.17
CA LYS A 28 -0.55 11.56 11.72
C LYS A 28 -0.69 10.22 12.45
N ALA A 29 -0.10 9.16 11.90
CA ALA A 29 -0.21 7.84 12.55
C ALA A 29 0.51 7.81 13.88
N ARG A 30 1.69 8.43 13.96
CA ARG A 30 2.45 8.49 15.21
C ARG A 30 1.73 9.32 16.27
N VAL A 31 1.07 10.41 15.86
CA VAL A 31 0.26 11.18 16.80
C VAL A 31 -0.83 10.30 17.40
N ILE A 32 -1.53 9.52 16.57
CA ILE A 32 -2.60 8.68 17.07
C ILE A 32 -2.04 7.56 17.95
N LEU A 33 -0.94 6.94 17.54
CA LEU A 33 -0.44 5.73 18.17
C LEU A 33 0.30 6.00 19.48
N SER A 34 0.23 7.22 20.01
CA SER A 34 0.85 7.54 21.29
C SER A 34 -0.20 7.85 22.35
N PRO A 41 -8.55 8.35 21.01
CA PRO A 41 -8.01 7.05 21.43
C PRO A 41 -8.63 5.92 20.59
N PRO A 42 -7.82 5.28 19.74
CA PRO A 42 -8.39 4.27 18.82
C PRO A 42 -8.98 3.10 19.59
N PHE A 43 -10.12 2.63 19.10
CA PHE A 43 -10.76 1.44 19.65
C PHE A 43 -9.97 0.19 19.31
N VAL A 44 -9.67 -0.63 20.31
CA VAL A 44 -8.78 -1.77 20.12
C VAL A 44 -9.59 -3.01 19.82
N ILE A 45 -9.28 -3.65 18.70
CA ILE A 45 -9.87 -4.92 18.27
C ILE A 45 -8.87 -6.02 18.59
N HIS A 46 -9.22 -6.85 19.57
CA HIS A 46 -8.28 -7.88 20.01
C HIS A 46 -8.95 -9.24 20.22
N ASP A 47 -10.26 -9.35 20.04
CA ASP A 47 -10.95 -10.63 20.13
C ASP A 47 -12.26 -10.51 19.35
N MET A 48 -13.08 -11.57 19.39
CA MET A 48 -14.34 -11.56 18.67
C MET A 48 -15.31 -10.53 19.21
N GLU A 49 -15.33 -10.33 20.54
CA GLU A 49 -16.26 -9.39 21.15
C GLU A 49 -15.99 -7.96 20.70
N THR A 50 -14.74 -7.51 20.83
CA THR A 50 -14.39 -6.17 20.39
C THR A 50 -14.42 -6.03 18.86
N LEU A 51 -14.14 -7.09 18.10
CA LEU A 51 -14.37 -6.97 16.65
C LEU A 51 -15.83 -6.66 16.37
N CYS A 52 -16.75 -7.31 17.09
N CYS A 52 -16.75 -7.32 17.08
CA CYS A 52 -18.16 -7.06 16.86
CA CYS A 52 -18.16 -7.06 16.86
C CYS A 52 -18.56 -5.65 17.27
C CYS A 52 -18.54 -5.64 17.26
N MET A 53 -17.99 -5.14 18.37
CA MET A 53 -18.35 -3.77 18.78
C MET A 53 -17.81 -2.75 17.80
N ALA A 54 -16.57 -2.93 17.34
CA ALA A 54 -16.02 -2.03 16.33
C ALA A 54 -16.88 -2.02 15.07
N GLU A 55 -17.32 -3.19 14.60
CA GLU A 55 -18.18 -3.24 13.42
C GLU A 55 -19.47 -2.45 13.62
N LYS A 56 -20.10 -2.57 14.78
CA LYS A 56 -21.33 -1.83 15.05
C LYS A 56 -21.09 -0.33 15.01
N THR A 57 -19.93 0.12 15.49
CA THR A 57 -19.64 1.54 15.56
C THR A 57 -19.05 2.08 14.27
N LEU A 58 -18.12 1.35 13.65
CA LEU A 58 -17.31 1.93 12.57
C LEU A 58 -17.66 1.42 11.17
N VAL A 59 -18.33 0.28 11.03
CA VAL A 59 -18.83 -0.16 9.73
C VAL A 59 -20.22 -0.76 9.90
N ALA A 60 -21.16 0.06 10.38
CA ALA A 60 -22.49 -0.42 10.76
C ALA A 60 -23.22 -1.13 9.63
N LYS A 61 -22.87 -0.88 8.37
CA LYS A 61 -23.60 -1.44 7.24
C LYS A 61 -23.63 -2.97 7.30
N LEU A 62 -22.49 -3.59 7.57
CA LEU A 62 -22.41 -5.04 7.58
C LEU A 62 -22.47 -5.61 9.00
N ASN A 69 -23.41 -10.67 9.03
CA ASN A 69 -24.12 -11.94 9.02
C ASN A 69 -23.20 -13.08 8.56
N LYS A 70 -22.05 -12.70 8.00
CA LYS A 70 -21.09 -13.66 7.47
C LYS A 70 -20.03 -13.99 8.52
N GLU A 71 -19.20 -14.99 8.21
CA GLU A 71 -18.11 -15.36 9.10
C GLU A 71 -17.23 -14.16 9.42
N ALA A 72 -16.69 -14.12 10.63
CA ALA A 72 -15.90 -12.96 11.06
C ALA A 72 -14.75 -12.70 10.10
N GLU A 73 -14.13 -13.76 9.59
CA GLU A 73 -12.98 -13.63 8.70
C GLU A 73 -13.37 -13.02 7.36
N VAL A 74 -14.54 -13.36 6.85
CA VAL A 74 -14.98 -12.84 5.57
C VAL A 74 -15.39 -11.37 5.72
N ARG A 75 -16.04 -11.02 6.84
CA ARG A 75 -16.34 -9.62 7.13
C ARG A 75 -15.09 -8.76 7.16
N ILE A 76 -14.03 -9.25 7.80
CA ILE A 76 -12.76 -8.50 7.83
C ILE A 76 -12.20 -8.39 6.42
N PHE A 77 -12.17 -9.52 5.71
CA PHE A 77 -11.79 -9.57 4.29
C PHE A 77 -12.49 -8.48 3.46
N HIS A 78 -13.80 -8.31 3.64
CA HIS A 78 -14.50 -7.27 2.86
C HIS A 78 -14.13 -5.86 3.31
N CYS A 79 -13.94 -5.65 4.61
CA CYS A 79 -13.44 -4.36 5.07
C CYS A 79 -12.05 -4.07 4.50
N CYS A 80 -11.20 -5.10 4.45
CA CYS A 80 -9.85 -4.93 3.92
C CYS A 80 -9.88 -4.54 2.45
N GLN A 81 -10.70 -5.24 1.66
CA GLN A 81 -10.87 -4.89 0.25
C GLN A 81 -11.30 -3.44 0.09
N CYS A 82 -12.28 -3.02 0.87
CA CYS A 82 -12.78 -1.66 0.76
C CYS A 82 -11.66 -0.67 1.06
N THR A 83 -10.82 -0.96 2.05
CA THR A 83 -9.68 -0.10 2.37
C THR A 83 -8.75 0.01 1.18
N SER A 84 -8.46 -1.10 0.53
CA SER A 84 -7.53 -1.11 -0.58
C SER A 84 -8.07 -0.34 -1.77
N VAL A 85 -9.37 -0.48 -2.03
CA VAL A 85 -10.00 0.27 -3.13
C VAL A 85 -9.83 1.76 -2.90
N GLU A 86 -10.06 2.24 -1.69
CA GLU A 86 -9.83 3.64 -1.39
C GLU A 86 -8.38 4.05 -1.65
N THR A 87 -7.42 3.22 -1.21
CA THR A 87 -6.01 3.59 -1.37
C THR A 87 -5.60 3.61 -2.83
N VAL A 88 -6.16 2.74 -3.66
CA VAL A 88 -5.84 2.78 -5.09
C VAL A 88 -6.27 4.10 -5.69
N THR A 89 -7.43 4.62 -5.27
CA THR A 89 -7.86 5.93 -5.76
C THR A 89 -6.92 7.03 -5.31
N GLU A 90 -6.46 6.97 -4.06
CA GLU A 90 -5.47 7.94 -3.60
C GLU A 90 -4.17 7.82 -4.39
N LEU A 91 -3.72 6.59 -4.65
CA LEU A 91 -2.47 6.39 -5.39
C LEU A 91 -2.58 6.88 -6.84
N THR A 92 -3.75 6.70 -7.44
CA THR A 92 -3.94 7.18 -8.80
C THR A 92 -3.82 8.69 -8.88
N GLU A 93 -4.47 9.41 -7.97
CA GLU A 93 -4.34 10.86 -7.94
C GLU A 93 -2.90 11.27 -7.61
N PHE A 94 -2.23 10.58 -6.68
CA PHE A 94 -0.82 10.88 -6.42
C PHE A 94 0.02 10.70 -7.67
N ALA A 95 -0.18 9.59 -8.38
CA ALA A 95 0.61 9.33 -9.58
C ALA A 95 0.42 10.41 -10.63
N LYS A 96 -0.83 10.84 -10.84
CA LYS A 96 -1.10 11.92 -11.78
C LYS A 96 -0.36 13.19 -11.44
N ALA A 97 0.01 13.36 -10.18
CA ALA A 97 0.72 14.55 -9.73
C ALA A 97 2.23 14.40 -9.77
N ILE A 98 2.75 13.23 -10.15
CA ILE A 98 4.20 13.04 -10.28
C ILE A 98 4.64 13.67 -11.60
N PRO A 99 5.57 14.63 -11.57
CA PRO A 99 5.98 15.31 -12.81
C PRO A 99 6.38 14.33 -13.89
N GLY A 100 5.72 14.43 -15.05
CA GLY A 100 6.01 13.58 -16.19
C GLY A 100 5.08 12.39 -16.33
N PHE A 101 4.45 11.94 -15.23
CA PHE A 101 3.59 10.76 -15.32
C PHE A 101 2.46 10.98 -16.31
N ALA A 102 1.83 12.15 -16.28
CA ALA A 102 0.70 12.37 -17.17
C ALA A 102 1.13 12.56 -18.62
N ASN A 103 2.43 12.65 -18.90
CA ASN A 103 2.91 12.70 -20.27
C ASN A 103 3.05 11.32 -20.88
N LEU A 104 2.92 10.26 -20.09
CA LEU A 104 3.08 8.91 -20.58
C LEU A 104 1.84 8.48 -21.34
N ASP A 105 2.01 7.46 -22.20
CA ASP A 105 0.89 6.82 -22.87
C ASP A 105 -0.10 6.31 -21.82
N LEU A 106 -1.38 6.59 -22.03
CA LEU A 106 -2.37 6.22 -21.01
C LEU A 106 -2.33 4.74 -20.70
N ASN A 107 -2.09 3.90 -21.71
CA ASN A 107 -2.02 2.47 -21.45
C ASN A 107 -0.86 2.13 -20.53
N ASP A 108 0.25 2.86 -20.65
CA ASP A 108 1.41 2.65 -19.78
C ASP A 108 1.13 3.16 -18.37
N GLN A 109 0.38 4.26 -18.25
CA GLN A 109 -0.05 4.70 -16.93
C GLN A 109 -0.84 3.61 -16.21
N VAL A 110 -1.77 2.98 -16.93
CA VAL A 110 -2.54 1.86 -16.35
C VAL A 110 -1.61 0.75 -15.90
N THR A 111 -0.69 0.34 -16.78
CA THR A 111 0.24 -0.73 -16.44
C THR A 111 1.09 -0.38 -15.22
N LEU A 112 1.56 0.87 -15.12
CA LEU A 112 2.36 1.28 -13.98
C LEU A 112 1.55 1.19 -12.68
N LEU A 113 0.29 1.61 -12.74
CA LEU A 113 -0.54 1.58 -11.55
C LEU A 113 -0.91 0.14 -11.20
N LYS A 114 -1.24 -0.68 -12.21
CA LYS A 114 -1.60 -2.08 -11.99
C LYS A 114 -0.55 -2.82 -11.18
N TYR A 115 0.73 -2.69 -11.58
CA TYR A 115 1.79 -3.42 -10.91
C TYR A 115 2.37 -2.67 -9.71
N GLY A 116 2.17 -1.35 -9.65
CA GLY A 116 2.75 -0.57 -8.58
C GLY A 116 1.93 -0.44 -7.31
N VAL A 117 0.59 -0.49 -7.40
CA VAL A 117 -0.23 -0.03 -6.26
C VAL A 117 -0.01 -0.88 -5.03
N TYR A 118 0.08 -2.21 -5.19
CA TYR A 118 0.17 -3.03 -3.98
C TYR A 118 1.56 -2.98 -3.36
N GLU A 119 2.61 -2.79 -4.15
CA GLU A 119 3.91 -2.52 -3.53
C GLU A 119 3.84 -1.22 -2.73
N ALA A 120 3.18 -0.19 -3.30
CA ALA A 120 2.96 1.07 -2.60
C ALA A 120 2.09 0.89 -1.37
N ILE A 121 1.01 0.10 -1.48
CA ILE A 121 0.11 -0.08 -0.35
C ILE A 121 0.84 -0.69 0.84
N PHE A 122 1.65 -1.73 0.60
CA PHE A 122 2.27 -2.40 1.75
C PHE A 122 3.44 -1.59 2.31
N ALA A 123 4.12 -0.82 1.45
CA ALA A 123 5.12 0.12 1.96
C ALA A 123 4.49 1.16 2.89
N MET A 124 3.38 1.79 2.46
CA MET A 124 2.72 2.80 3.28
C MET A 124 2.00 2.21 4.49
N LEU A 125 1.47 0.98 4.40
CA LEU A 125 0.85 0.42 5.60
C LEU A 125 1.84 0.33 6.76
N SER A 126 3.13 0.21 6.46
CA SER A 126 4.13 0.13 7.53
C SER A 126 4.04 1.33 8.44
N SER A 127 3.66 2.50 7.90
CA SER A 127 3.52 3.71 8.73
C SER A 127 2.49 3.56 9.84
N VAL A 128 1.52 2.65 9.70
CA VAL A 128 0.47 2.55 10.71
C VAL A 128 0.61 1.29 11.54
N MET A 129 1.71 0.57 11.39
CA MET A 129 1.95 -0.71 12.03
C MET A 129 2.99 -0.57 13.12
N ASN A 130 2.75 -1.24 14.26
CA ASN A 130 3.85 -1.44 15.19
C ASN A 130 3.90 -2.92 15.57
N LYS A 131 4.76 -3.29 16.53
CA LYS A 131 4.92 -4.71 16.86
C LYS A 131 3.66 -5.33 17.43
N ASP A 132 2.73 -4.53 17.93
CA ASP A 132 1.52 -5.05 18.57
C ASP A 132 0.28 -5.06 17.66
N GLY A 133 0.26 -4.27 16.61
CA GLY A 133 -0.91 -4.26 15.75
C GLY A 133 -0.82 -3.09 14.79
N MET A 134 -1.98 -2.65 14.31
CA MET A 134 -2.03 -1.64 13.26
C MET A 134 -3.30 -0.81 13.32
N LEU A 135 -3.17 0.47 12.93
CA LEU A 135 -4.34 1.33 12.80
C LEU A 135 -5.21 0.88 11.64
N VAL A 136 -6.52 0.96 11.83
CA VAL A 136 -7.49 0.66 10.79
C VAL A 136 -8.59 1.71 10.82
N ALA A 137 -9.44 1.69 9.78
CA ALA A 137 -10.63 2.53 9.71
C ALA A 137 -10.30 4.00 9.92
N TYR A 138 -9.39 4.52 9.08
CA TYR A 138 -9.05 5.95 9.09
C TYR A 138 -8.59 6.43 10.47
N GLY A 139 -7.80 5.59 11.15
CA GLY A 139 -7.21 5.95 12.41
C GLY A 139 -8.08 5.72 13.63
N ASN A 140 -9.31 5.24 13.44
CA ASN A 140 -10.27 5.13 14.53
C ASN A 140 -10.25 3.77 15.22
N GLY A 141 -9.54 2.79 14.65
CA GLY A 141 -9.42 1.49 15.28
C GLY A 141 -7.98 1.02 15.27
N PHE A 142 -7.71 0.02 16.11
CA PHE A 142 -6.38 -0.59 16.19
C PHE A 142 -6.60 -2.08 16.35
N ILE A 143 -6.21 -2.86 15.34
CA ILE A 143 -6.38 -4.31 15.36
C ILE A 143 -5.07 -4.94 15.76
N THR A 144 -5.10 -5.85 16.74
CA THR A 144 -3.86 -6.41 17.21
C THR A 144 -3.34 -7.49 16.28
N ARG A 145 -2.01 -7.59 16.24
CA ARG A 145 -1.35 -8.61 15.45
C ARG A 145 -1.71 -10.01 15.94
N GLU A 146 -1.92 -10.17 17.25
CA GLU A 146 -2.26 -11.50 17.76
C GLU A 146 -3.67 -11.89 17.34
N PHE A 147 -4.61 -10.95 17.37
CA PHE A 147 -5.97 -11.28 16.94
C PHE A 147 -5.98 -11.78 15.50
N LEU A 148 -5.28 -11.05 14.60
CA LEU A 148 -5.18 -11.51 13.21
C LEU A 148 -4.57 -12.90 13.12
N LYS A 149 -3.56 -13.18 13.94
CA LYS A 149 -2.99 -14.53 13.94
C LYS A 149 -3.98 -15.58 14.43
N SER A 150 -5.00 -15.17 15.17
CA SER A 150 -5.93 -16.08 15.82
C SER A 150 -7.07 -16.51 14.92
N LEU A 151 -7.19 -15.91 13.73
CA LEU A 151 -8.24 -16.23 12.79
C LEU A 151 -7.99 -17.59 12.17
N ARG A 152 -9.03 -18.15 11.58
CA ARG A 152 -8.89 -19.44 10.89
C ARG A 152 -8.11 -19.27 9.60
N LYS A 153 -7.35 -20.32 9.27
CA LYS A 153 -6.72 -20.41 7.96
C LYS A 153 -7.76 -20.21 6.87
N PRO A 154 -7.43 -19.53 5.77
CA PRO A 154 -6.11 -18.97 5.40
C PRO A 154 -5.95 -17.49 5.80
N PHE A 155 -6.97 -16.94 6.46
CA PHE A 155 -6.97 -15.51 6.74
C PHE A 155 -5.91 -15.12 7.75
N CYS A 156 -5.56 -16.01 8.68
CA CYS A 156 -4.51 -15.70 9.64
C CYS A 156 -3.12 -15.64 9.01
N ASP A 157 -2.97 -16.05 7.75
CA ASP A 157 -1.70 -16.06 7.05
C ASP A 157 -1.46 -14.82 6.20
N ILE A 158 -2.39 -13.88 6.17
CA ILE A 158 -2.30 -12.77 5.21
C ILE A 158 -1.44 -11.63 5.76
N MET A 159 -1.71 -11.17 6.99
CA MET A 159 -0.98 -9.99 7.47
C MET A 159 0.37 -10.28 8.11
N GLU A 160 0.63 -11.48 8.60
CA GLU A 160 1.89 -11.68 9.31
C GLU A 160 3.13 -11.35 8.45
N PRO A 161 3.22 -11.72 7.17
CA PRO A 161 4.40 -11.32 6.40
C PRO A 161 4.50 -9.82 6.22
N LYS A 162 3.35 -9.13 6.21
CA LYS A 162 3.33 -7.68 6.10
C LYS A 162 3.85 -7.03 7.38
N PHE A 163 3.50 -7.58 8.54
CA PHE A 163 4.08 -7.11 9.80
C PHE A 163 5.59 -7.34 9.82
N ASP A 164 6.06 -8.50 9.34
CA ASP A 164 7.50 -8.76 9.31
C ASP A 164 8.22 -7.73 8.45
N PHE A 165 7.68 -7.48 7.25
CA PHE A 165 8.25 -6.45 6.37
C PHE A 165 8.27 -5.09 7.08
N ALA A 166 7.16 -4.71 7.71
CA ALA A 166 7.04 -3.38 8.27
C ALA A 166 7.96 -3.16 9.47
N MET A 167 8.21 -4.20 10.25
CA MET A 167 9.10 -4.07 11.40
C MET A 167 10.50 -3.66 10.94
N LYS A 168 11.01 -4.34 9.92
CA LYS A 168 12.31 -4.00 9.33
C LYS A 168 12.27 -2.66 8.58
N PHE A 169 11.19 -2.39 7.83
CA PHE A 169 11.09 -1.11 7.11
C PHE A 169 11.09 0.07 8.07
N ASN A 170 10.35 -0.05 9.19
CA ASN A 170 10.25 1.02 10.16
C ASN A 170 11.56 1.22 10.90
N ALA A 171 12.41 0.19 10.94
CA ALA A 171 13.71 0.33 11.58
C ALA A 171 14.61 1.30 10.84
N LEU A 172 14.30 1.59 9.57
CA LEU A 172 15.05 2.57 8.80
C LEU A 172 14.71 4.00 9.20
N GLU A 173 13.63 4.20 9.95
CA GLU A 173 13.25 5.51 10.48
C GLU A 173 13.08 6.54 9.36
N LEU A 174 12.45 6.14 8.26
CA LEU A 174 12.08 7.10 7.23
C LEU A 174 10.99 8.05 7.74
N ASP A 175 10.99 9.27 7.21
CA ASP A 175 9.85 10.16 7.42
C ASP A 175 9.06 10.32 6.12
N ASP A 176 7.97 11.08 6.22
CA ASP A 176 7.06 11.22 5.07
C ASP A 176 7.77 11.82 3.86
N SER A 177 8.76 12.68 4.06
CA SER A 177 9.46 13.19 2.87
C SER A 177 10.23 12.07 2.16
N ASP A 178 10.80 11.12 2.91
CA ASP A 178 11.48 9.97 2.31
C ASP A 178 10.48 9.05 1.60
N ILE A 179 9.37 8.78 2.26
CA ILE A 179 8.44 7.77 1.77
C ILE A 179 7.78 8.24 0.48
N SER A 180 7.45 9.53 0.41
CA SER A 180 6.84 10.07 -0.79
C SER A 180 7.70 9.81 -2.02
N LEU A 181 9.01 9.96 -1.89
CA LEU A 181 9.90 9.71 -3.01
C LEU A 181 10.04 8.21 -3.27
N PHE A 182 10.07 7.41 -2.21
CA PHE A 182 10.12 5.96 -2.37
C PHE A 182 8.89 5.45 -3.13
N VAL A 183 7.70 5.95 -2.76
CA VAL A 183 6.46 5.55 -3.43
C VAL A 183 6.46 6.01 -4.89
N ALA A 184 6.91 7.23 -5.15
CA ALA A 184 7.00 7.67 -6.55
C ALA A 184 7.90 6.74 -7.36
N ALA A 185 9.05 6.34 -6.80
CA ALA A 185 9.96 5.44 -7.49
C ALA A 185 9.32 4.06 -7.74
N ILE A 186 8.55 3.56 -6.79
CA ILE A 186 7.83 2.30 -6.99
C ILE A 186 6.89 2.40 -8.19
N ILE A 187 6.18 3.51 -8.30
CA ILE A 187 5.17 3.63 -9.36
C ILE A 187 5.85 3.79 -10.71
N CYS A 188 6.95 4.51 -10.74
CA CYS A 188 7.59 4.91 -11.99
C CYS A 188 8.69 3.91 -12.35
N CYS A 189 8.27 2.68 -12.63
CA CYS A 189 9.17 1.53 -12.69
C CYS A 189 9.16 1.00 -14.12
N GLY A 190 10.31 1.08 -14.78
CA GLY A 190 10.37 0.82 -16.21
C GLY A 190 10.27 -0.64 -16.62
N ASP A 191 10.35 -1.58 -15.67
CA ASP A 191 10.42 -2.98 -16.03
C ASP A 191 9.13 -3.74 -15.72
N ARG A 192 8.02 -3.03 -15.60
CA ARG A 192 6.73 -3.71 -15.50
C ARG A 192 6.43 -4.45 -16.80
N PRO A 193 5.75 -5.59 -16.73
CA PRO A 193 5.41 -6.32 -17.97
C PRO A 193 4.40 -5.57 -18.81
N GLY A 194 4.65 -5.51 -20.11
CA GLY A 194 3.70 -4.94 -21.05
C GLY A 194 3.80 -3.46 -21.30
N LEU A 195 4.91 -2.82 -20.94
CA LEU A 195 5.03 -1.39 -21.14
C LEU A 195 5.33 -1.08 -22.60
N LEU A 196 4.67 -0.04 -23.12
CA LEU A 196 4.87 0.38 -24.51
C LEU A 196 6.15 1.20 -24.68
N ASN A 197 6.31 2.27 -23.91
CA ASN A 197 7.46 3.16 -24.02
C ASN A 197 8.38 2.96 -22.81
N VAL A 198 9.06 1.81 -22.79
CA VAL A 198 9.98 1.50 -21.70
C VAL A 198 11.02 2.61 -21.54
N GLY A 199 11.48 3.19 -22.66
CA GLY A 199 12.54 4.18 -22.59
C GLY A 199 12.14 5.46 -21.84
N HIS A 200 10.94 5.97 -22.12
CA HIS A 200 10.48 7.18 -21.44
C HIS A 200 10.36 6.96 -19.94
N ILE A 201 9.86 5.78 -19.56
CA ILE A 201 9.61 5.49 -18.15
C ILE A 201 10.92 5.29 -17.41
N GLU A 202 11.86 4.57 -18.02
CA GLU A 202 13.19 4.44 -17.43
C GLU A 202 13.82 5.81 -17.20
N LYS A 203 13.71 6.72 -18.17
CA LYS A 203 14.25 8.06 -17.99
C LYS A 203 13.55 8.78 -16.85
N MET A 204 12.23 8.59 -16.75
CA MET A 204 11.48 9.29 -15.72
C MET A 204 11.89 8.75 -14.35
N GLN A 205 12.09 7.43 -14.26
CA GLN A 205 12.51 6.82 -13.01
C GLN A 205 13.92 7.23 -12.63
N GLU A 206 14.81 7.38 -13.61
CA GLU A 206 16.19 7.78 -13.30
C GLU A 206 16.20 9.13 -12.59
N GLY A 207 15.34 10.05 -13.02
CA GLY A 207 15.29 11.35 -12.36
C GLY A 207 14.73 11.27 -10.95
N ILE A 208 13.69 10.45 -10.74
CA ILE A 208 13.13 10.28 -9.41
C ILE A 208 14.15 9.64 -8.49
N VAL A 209 14.78 8.54 -8.93
CA VAL A 209 15.76 7.85 -8.11
C VAL A 209 16.95 8.76 -7.81
N HIS A 210 17.33 9.63 -8.75
CA HIS A 210 18.40 10.57 -8.48
C HIS A 210 18.02 11.53 -7.37
N VAL A 211 16.78 12.03 -7.40
CA VAL A 211 16.34 12.95 -6.36
C VAL A 211 16.16 12.22 -5.03
N LEU A 212 15.74 10.96 -5.05
CA LEU A 212 15.67 10.18 -3.82
C LEU A 212 17.07 9.97 -3.23
N ARG A 213 18.05 9.61 -4.06
CA ARG A 213 19.41 9.43 -3.57
C ARG A 213 19.92 10.70 -2.89
N LEU A 214 19.78 11.85 -3.55
CA LEU A 214 20.26 13.09 -2.95
C LEU A 214 19.49 13.40 -1.67
N HIS A 215 18.18 13.12 -1.67
CA HIS A 215 17.37 13.42 -0.49
C HIS A 215 17.79 12.57 0.70
N LEU A 216 18.05 11.27 0.48
CA LEU A 216 18.49 10.42 1.58
C LEU A 216 19.83 10.87 2.14
N GLN A 217 20.74 11.33 1.28
CA GLN A 217 22.04 11.77 1.79
C GLN A 217 21.91 13.03 2.66
N SER A 218 20.97 13.92 2.35
CA SER A 218 20.78 15.12 3.18
C SER A 218 19.98 14.83 4.43
N ASN A 219 18.94 13.98 4.31
CA ASN A 219 18.00 13.76 5.40
C ASN A 219 18.48 12.70 6.38
N HIS A 220 19.40 11.83 5.94
CA HIS A 220 19.90 10.72 6.74
C HIS A 220 21.42 10.63 6.62
N PRO A 221 22.14 11.67 7.06
CA PRO A 221 23.60 11.67 6.89
C PRO A 221 24.29 10.61 7.73
N ASP A 222 23.58 9.96 8.64
CA ASP A 222 24.15 8.98 9.54
C ASP A 222 24.14 7.57 8.97
N ASP A 223 23.47 7.33 7.84
CA ASP A 223 23.23 5.98 7.31
C ASP A 223 23.69 5.98 5.86
N ILE A 224 24.97 5.66 5.64
CA ILE A 224 25.52 5.78 4.30
C ILE A 224 25.02 4.69 3.35
N PHE A 225 24.35 3.65 3.86
CA PHE A 225 23.81 2.61 3.00
C PHE A 225 22.30 2.71 2.82
N LEU A 226 21.68 3.82 3.24
CA LEU A 226 20.21 3.86 3.22
C LEU A 226 19.65 3.70 1.80
N PHE A 227 20.27 4.35 0.80
CA PHE A 227 19.75 4.19 -0.56
C PHE A 227 19.80 2.74 -1.04
N PRO A 228 20.92 2.01 -0.95
CA PRO A 228 20.89 0.60 -1.39
C PRO A 228 20.00 -0.29 -0.51
N LYS A 229 19.85 0.04 0.78
CA LYS A 229 18.86 -0.64 1.61
C LYS A 229 17.46 -0.48 1.03
N LEU A 230 17.10 0.73 0.61
CA LEU A 230 15.77 0.96 0.06
C LEU A 230 15.57 0.29 -1.29
N LEU A 231 16.62 0.26 -2.13
CA LEU A 231 16.52 -0.51 -3.37
C LEU A 231 16.19 -1.97 -3.06
N GLN A 232 16.83 -2.53 -2.04
CA GLN A 232 16.50 -3.90 -1.66
C GLN A 232 15.04 -4.03 -1.18
N LYS A 233 14.53 -3.02 -0.46
CA LYS A 233 13.14 -3.07 -0.01
C LYS A 233 12.16 -3.05 -1.18
N MET A 234 12.48 -2.38 -2.31
CA MET A 234 11.54 -2.49 -3.41
C MET A 234 11.54 -3.89 -4.02
N ALA A 235 12.69 -4.57 -4.02
CA ALA A 235 12.71 -5.96 -4.47
C ALA A 235 11.96 -6.87 -3.50
N ASP A 236 12.12 -6.63 -2.19
CA ASP A 236 11.35 -7.38 -1.20
C ASP A 236 9.85 -7.17 -1.39
N LEU A 237 9.44 -5.93 -1.66
CA LEU A 237 8.03 -5.62 -1.88
C LEU A 237 7.48 -6.35 -3.10
N ARG A 238 8.25 -6.39 -4.20
CA ARG A 238 7.78 -7.15 -5.36
C ARG A 238 7.49 -8.60 -4.99
N GLN A 239 8.38 -9.22 -4.20
CA GLN A 239 8.17 -10.61 -3.81
C GLN A 239 7.02 -10.74 -2.82
N LEU A 240 6.88 -9.78 -1.91
CA LEU A 240 5.76 -9.79 -0.98
C LEU A 240 4.43 -9.74 -1.72
N VAL A 241 4.36 -8.92 -2.77
CA VAL A 241 3.11 -8.78 -3.51
C VAL A 241 2.82 -10.07 -4.30
N THR A 242 3.85 -10.66 -4.93
CA THR A 242 3.65 -11.90 -5.66
C THR A 242 3.05 -12.98 -4.77
N GLU A 243 3.63 -13.16 -3.58
CA GLU A 243 3.10 -14.12 -2.64
C GLU A 243 1.71 -13.74 -2.15
N HIS A 244 1.43 -12.44 -2.01
CA HIS A 244 0.09 -12.01 -1.61
C HIS A 244 -0.93 -12.36 -2.68
N ALA A 245 -0.59 -12.15 -3.95
CA ALA A 245 -1.51 -12.50 -5.03
C ALA A 245 -1.80 -14.00 -5.08
N GLN A 246 -0.84 -14.83 -4.63
CA GLN A 246 -1.14 -16.26 -4.56
C GLN A 246 -2.15 -16.57 -3.49
N LEU A 247 -2.13 -15.82 -2.37
CA LEU A 247 -3.16 -15.96 -1.35
C LEU A 247 -4.51 -15.49 -1.86
N VAL A 248 -4.53 -14.40 -2.63
CA VAL A 248 -5.78 -13.92 -3.23
C VAL A 248 -6.42 -15.03 -4.06
N GLN A 249 -5.60 -15.78 -4.80
CA GLN A 249 -6.13 -16.83 -5.66
C GLN A 249 -6.60 -18.03 -4.86
N ILE A 250 -5.88 -18.38 -3.77
CA ILE A 250 -6.32 -19.47 -2.91
C ILE A 250 -7.67 -19.16 -2.28
N ILE A 251 -7.89 -17.90 -1.93
CA ILE A 251 -9.17 -17.50 -1.34
C ILE A 251 -10.26 -17.51 -2.39
N LYS A 252 -9.98 -16.93 -3.56
CA LYS A 252 -11.03 -16.76 -4.57
C LYS A 252 -11.60 -18.08 -5.03
N LYS A 253 -10.79 -19.14 -5.03
CA LYS A 253 -11.25 -20.41 -5.54
C LYS A 253 -11.73 -21.37 -4.45
N THR A 254 -11.37 -21.16 -3.19
CA THR A 254 -11.83 -22.04 -2.11
C THR A 254 -12.86 -21.41 -1.20
N GLU A 255 -12.82 -20.10 -0.97
CA GLU A 255 -13.71 -19.49 0.01
C GLU A 255 -15.08 -19.22 -0.62
N SER A 256 -16.11 -19.76 0.01
CA SER A 256 -17.46 -19.72 -0.56
C SER A 256 -17.95 -18.29 -0.73
N ASP A 257 -17.69 -17.43 0.28
CA ASP A 257 -18.30 -16.11 0.38
C ASP A 257 -17.31 -14.97 0.22
N ALA A 258 -16.15 -15.22 -0.39
CA ALA A 258 -15.13 -14.19 -0.52
C ALA A 258 -15.14 -13.64 -1.94
N ALA A 259 -16.10 -12.78 -2.22
CA ALA A 259 -16.22 -12.14 -3.53
C ALA A 259 -15.22 -10.99 -3.66
N LEU A 260 -14.46 -10.99 -4.76
CA LEU A 260 -13.51 -9.94 -5.02
C LEU A 260 -14.20 -8.68 -5.54
N HIS A 261 -13.79 -7.53 -5.02
CA HIS A 261 -14.20 -6.27 -5.61
C HIS A 261 -13.72 -6.19 -7.05
N PRO A 262 -14.54 -5.69 -7.98
CA PRO A 262 -14.15 -5.70 -9.40
C PRO A 262 -12.86 -4.93 -9.72
N LEU A 263 -12.61 -3.80 -9.07
CA LEU A 263 -11.36 -3.10 -9.32
C LEU A 263 -10.16 -3.95 -8.91
N LEU A 264 -10.24 -4.59 -7.74
CA LEU A 264 -9.12 -5.42 -7.30
C LEU A 264 -8.99 -6.67 -8.16
N GLN A 265 -10.11 -7.20 -8.64
CA GLN A 265 -10.05 -8.29 -9.62
C GLN A 265 -9.30 -7.86 -10.87
N GLU A 266 -9.57 -6.66 -11.36
CA GLU A 266 -8.84 -6.12 -12.52
C GLU A 266 -7.35 -6.00 -12.24
N ILE A 267 -6.99 -5.55 -11.03
CA ILE A 267 -5.58 -5.34 -10.71
C ILE A 267 -4.86 -6.68 -10.61
N TYR A 268 -5.46 -7.66 -9.93
CA TYR A 268 -4.80 -8.94 -9.78
C TYR A 268 -4.81 -9.79 -11.05
N ARG A 269 -5.74 -9.52 -11.98
CA ARG A 269 -5.90 -10.32 -13.19
C ARG A 269 -4.67 -10.21 -14.10
N ASP A 270 -3.95 -11.32 -14.28
CA ASP A 270 -2.76 -11.38 -15.13
C ASP A 270 -1.60 -10.56 -14.55
N MET A 271 -1.44 -10.56 -13.23
CA MET A 271 -0.30 -9.94 -12.57
C MET A 271 0.44 -11.06 -11.86
N TYR A 272 1.55 -11.50 -12.45
CA TYR A 272 2.31 -12.67 -11.97
C TYR A 272 1.44 -13.92 -11.96
N PRO B 7 -13.80 -0.29 -21.39
CA PRO B 7 -12.39 -0.06 -21.03
C PRO B 7 -11.98 -0.84 -19.79
N SER B 8 -11.56 -0.12 -18.75
CA SER B 8 -11.19 -0.76 -17.49
C SER B 8 -11.38 0.25 -16.37
N LEU B 9 -11.59 -0.27 -15.16
CA LEU B 9 -11.80 0.58 -14.00
C LEU B 9 -10.58 1.44 -13.70
N LEU B 10 -9.37 0.89 -13.87
CA LEU B 10 -8.17 1.69 -13.71
C LEU B 10 -8.13 2.84 -14.71
N LYS B 11 -8.38 2.54 -15.99
CA LYS B 11 -8.49 3.58 -17.00
C LYS B 11 -9.45 4.68 -16.58
N LYS B 12 -10.63 4.30 -16.09
CA LYS B 12 -11.59 5.28 -15.61
C LYS B 12 -11.00 6.15 -14.51
N LEU B 13 -10.35 5.52 -13.52
CA LEU B 13 -9.72 6.27 -12.43
C LEU B 13 -8.71 7.28 -12.96
N LEU B 14 -7.90 6.89 -13.95
CA LEU B 14 -6.89 7.81 -14.47
C LEU B 14 -7.52 8.97 -15.23
N LEU B 15 -8.77 8.86 -15.64
CA LEU B 15 -9.41 9.88 -16.46
C LEU B 15 -10.29 10.77 -15.57
N ALA B 16 -9.63 11.60 -14.77
CA ALA B 16 -10.27 12.55 -13.86
C ALA B 16 -11.24 11.88 -12.89
C01 A1LZ9 C . -5.22 -5.97 3.23
C02 A1LZ9 C . -5.18 -5.85 1.84
C03 A1LZ9 C . -5.67 -6.90 1.04
C04 A1LZ9 C . -6.21 -8.02 1.68
C05 A1LZ9 C . -6.22 -8.05 3.08
C06 A1LZ9 C . -6.82 -9.27 1.32
C07 A1LZ9 C . -4.68 -4.85 4.09
C08 A1LZ9 C . -5.68 -6.70 -0.47
C09 A1LZ9 C . -7.10 -9.82 -0.09
C10 A1LZ9 C . -7.13 -11.36 -0.11
C11 A1LZ9 C . -8.43 -9.26 -0.59
C12 A1LZ9 C . -5.88 -12.09 0.43
C13 A1LZ9 C . -8.52 -9.21 -2.11
C14 A1LZ9 C . -6.16 -9.41 5.89
C15 A1LZ9 C . -6.51 -9.88 7.15
C16 A1LZ9 C . -7.69 -10.59 7.34
C17 A1LZ9 C . -8.53 -10.82 6.28
C18 A1LZ9 C . -8.18 -10.35 5.03
C19 A1LZ9 C . -6.99 -9.66 4.83
C26 A1LZ9 C . -5.83 -4.06 4.70
C28 A1LZ9 C . -5.95 -2.55 6.46
C29 A1LZ9 C . -6.91 -3.34 7.35
C30 A1LZ9 C . -6.81 -4.60 8.00
C32 A1LZ9 C . -8.71 -3.76 8.48
C34 A1LZ9 C . -10.06 -3.60 9.10
C35 A1LZ9 C . -10.52 -4.55 10.00
C36 A1LZ9 C . -11.76 -4.38 10.59
C37 A1LZ9 C . -12.51 -3.25 10.28
C38 A1LZ9 C . -12.05 -2.30 9.40
C39 A1LZ9 C . -10.82 -2.46 8.81
C40 A1LZ9 C . -5.69 -5.63 7.97
F20 A1LZ9 C . -8.02 -11.06 8.57
N21 A1LZ9 C . -5.72 -7.05 3.82
N22 A1LZ9 C . -7.10 -9.91 2.42
N23 A1LZ9 C . -6.75 -9.22 3.48
N33 A1LZ9 C . -8.12 -2.87 7.70
O24 A1LZ9 C . -6.25 -5.64 -0.89
O25 A1LZ9 C . -5.27 -7.55 -1.29
O27 A1LZ9 C . -5.18 -3.46 5.78
O31 A1LZ9 C . -7.92 -4.79 8.64
#